data_9G0U
#
_entry.id   9G0U
#
_cell.length_a   177.590
_cell.length_b   177.590
_cell.length_c   177.590
_cell.angle_alpha   90.00
_cell.angle_beta   90.00
_cell.angle_gamma   90.00
#
_symmetry.space_group_name_H-M   'F 2 3'
#
loop_
_entity.id
_entity.type
_entity.pdbx_description
1 polymer 'Leukotriene C4 synthase'
2 non-polymer 'SULFATE ION'
3 non-polymer 'PALMITIC ACID'
4 non-polymer 'PALMITOLEIC ACID'
5 non-polymer DODECYL-BETA-D-MALTOSIDE
6 non-polymer '(1~{S},2~{S})-2-[5-[[5-chloranyl-2,4-bis(fluoranyl)phenyl]-(2-fluoranyl-2-methyl-propyl)amino]-3-methoxy-pyrazin-2-yl]carbonylcyclopropane-1-carboxylic acid'
7 water water
#
_entity_poly.entity_id   1
_entity_poly.type   'polypeptide(L)'
_entity_poly.pdbx_seq_one_letter_code
;MHHHHHHGKDEVALLAAVTLLGVLLQAYFSLQVISARRAFRVSPPLTTGPPEFERVYRAQVNCSEYFPLFLATLWVAGIF
FHEGAAALCGLVYLFARLRYFQGYARSAQLRLAPLYASARALWLLVALAALGLLAHFLPAALRAALLGRLRTLLPWA
;
_entity_poly.pdbx_strand_id   A
#
# COMPACT_ATOMS: atom_id res chain seq x y z
N GLY A 8 -6.79 -19.42 -13.76
CA GLY A 8 -5.43 -19.09 -13.31
C GLY A 8 -5.19 -17.60 -13.16
N LYS A 9 -5.26 -16.86 -14.29
CA LYS A 9 -5.08 -15.41 -14.37
C LYS A 9 -6.16 -14.71 -13.55
N ASP A 10 -7.45 -15.05 -13.77
CA ASP A 10 -8.56 -14.37 -13.11
C ASP A 10 -8.67 -14.71 -11.59
N GLU A 11 -7.80 -15.61 -11.09
CA GLU A 11 -7.66 -15.93 -9.66
C GLU A 11 -6.96 -14.72 -9.00
N VAL A 12 -6.24 -13.90 -9.81
CA VAL A 12 -5.50 -12.73 -9.35
C VAL A 12 -5.94 -11.43 -10.10
N ALA A 13 -6.99 -11.47 -10.95
CA ALA A 13 -7.42 -10.32 -11.76
C ALA A 13 -7.89 -9.07 -10.97
N LEU A 14 -8.42 -9.27 -9.75
CA LEU A 14 -8.89 -8.24 -8.82
C LEU A 14 -7.70 -7.54 -8.20
N LEU A 15 -6.65 -8.30 -7.84
CA LEU A 15 -5.39 -7.76 -7.33
C LEU A 15 -4.71 -6.94 -8.40
N ALA A 16 -4.74 -7.42 -9.67
CA ALA A 16 -4.16 -6.70 -10.82
C ALA A 16 -4.90 -5.42 -11.10
N ALA A 17 -6.23 -5.41 -10.89
CA ALA A 17 -7.11 -4.25 -11.08
C ALA A 17 -6.85 -3.17 -10.01
N VAL A 18 -6.72 -3.59 -8.73
CA VAL A 18 -6.40 -2.70 -7.59
C VAL A 18 -4.99 -2.09 -7.80
N THR A 19 -4.00 -2.91 -8.29
CA THR A 19 -2.62 -2.50 -8.63
C THR A 19 -2.65 -1.37 -9.65
N LEU A 20 -3.43 -1.57 -10.73
CA LEU A 20 -3.56 -0.64 -11.82
C LEU A 20 -4.17 0.70 -11.36
N LEU A 21 -5.15 0.62 -10.47
CA LEU A 21 -5.82 1.77 -9.88
C LEU A 21 -4.85 2.58 -9.00
N GLY A 22 -3.91 1.90 -8.34
CA GLY A 22 -2.85 2.52 -7.56
C GLY A 22 -1.85 3.24 -8.45
N VAL A 23 -1.53 2.66 -9.62
CA VAL A 23 -0.63 3.28 -10.60
C VAL A 23 -1.29 4.59 -11.08
N LEU A 24 -2.59 4.55 -11.37
CA LEU A 24 -3.40 5.68 -11.81
C LEU A 24 -3.47 6.77 -10.75
N LEU A 25 -3.58 6.40 -9.45
CA LEU A 25 -3.57 7.33 -8.34
C LEU A 25 -2.23 8.10 -8.26
N GLN A 26 -1.12 7.36 -8.44
CA GLN A 26 0.25 7.89 -8.49
C GLN A 26 0.39 8.87 -9.64
N ALA A 27 -0.20 8.56 -10.84
CA ALA A 27 -0.20 9.49 -11.98
C ALA A 27 -0.94 10.76 -11.62
N TYR A 28 -2.04 10.66 -10.83
CA TYR A 28 -2.83 11.81 -10.37
C TYR A 28 -2.02 12.72 -9.45
N PHE A 29 -1.29 12.14 -8.48
CA PHE A 29 -0.45 12.83 -7.52
C PHE A 29 0.65 13.60 -8.25
N SER A 30 1.25 12.94 -9.26
CA SER A 30 2.28 13.45 -10.15
C SER A 30 1.77 14.70 -10.95
N LEU A 31 0.50 14.66 -11.44
CA LEU A 31 -0.17 15.73 -12.17
C LEU A 31 -0.34 16.97 -11.26
N GLN A 32 -0.65 16.74 -9.96
CA GLN A 32 -0.81 17.77 -8.93
C GLN A 32 0.48 18.49 -8.61
N VAL A 33 1.60 17.77 -8.54
CA VAL A 33 2.92 18.34 -8.31
C VAL A 33 3.37 19.17 -9.55
N ILE A 34 3.07 18.70 -10.79
CA ILE A 34 3.34 19.43 -12.04
C ILE A 34 2.61 20.78 -12.01
N SER A 35 1.36 20.78 -11.50
CA SER A 35 0.53 21.99 -11.39
C SER A 35 1.10 22.98 -10.36
N ALA A 36 1.55 22.47 -9.19
CA ALA A 36 2.14 23.26 -8.12
C ALA A 36 3.43 23.89 -8.64
N ARG A 37 4.17 23.13 -9.48
CA ARG A 37 5.42 23.57 -10.11
C ARG A 37 5.22 24.81 -10.98
N ARG A 38 4.06 24.96 -11.64
CA ARG A 38 3.73 26.16 -12.43
C ARG A 38 3.28 27.26 -11.47
N ALA A 39 2.30 26.95 -10.60
CA ALA A 39 1.72 27.85 -9.59
C ALA A 39 2.74 28.51 -8.61
N PHE A 40 3.95 27.93 -8.45
CA PHE A 40 4.99 28.47 -7.60
C PHE A 40 6.33 28.65 -8.33
N ARG A 41 6.29 28.60 -9.69
CA ARG A 41 7.44 28.77 -10.59
C ARG A 41 8.65 27.90 -10.18
N VAL A 42 8.36 26.77 -9.50
CA VAL A 42 9.46 25.85 -9.11
C VAL A 42 9.97 25.20 -10.38
N SER A 43 11.27 25.29 -10.61
CA SER A 43 11.81 24.80 -11.88
C SER A 43 12.76 23.64 -11.62
N PRO A 44 12.59 22.53 -12.34
CA PRO A 44 13.49 21.42 -12.19
C PRO A 44 14.90 21.90 -12.49
N PRO A 45 15.89 21.64 -11.63
CA PRO A 45 15.94 20.45 -10.81
C PRO A 45 15.64 20.71 -9.34
N LEU A 46 14.76 21.65 -9.03
CA LEU A 46 14.58 22.02 -7.61
C LEU A 46 13.34 21.41 -6.97
N THR A 47 13.41 21.14 -5.67
CA THR A 47 12.31 20.49 -4.91
C THR A 47 11.91 21.39 -3.74
N THR A 48 12.60 22.51 -3.56
CA THR A 48 12.34 23.46 -2.47
C THR A 48 11.51 24.60 -3.04
N GLY A 49 10.73 25.22 -2.17
CA GLY A 49 9.85 26.31 -2.57
C GLY A 49 8.90 26.73 -1.47
N PRO A 50 7.75 27.37 -1.82
CA PRO A 50 6.78 27.80 -0.79
C PRO A 50 6.23 26.62 0.04
N PRO A 51 5.87 26.85 1.35
CA PRO A 51 5.36 25.73 2.18
C PRO A 51 4.26 24.86 1.58
N GLU A 52 3.33 25.44 0.77
CA GLU A 52 2.24 24.75 0.07
C GLU A 52 2.75 23.77 -0.97
N PHE A 53 3.68 24.22 -1.83
CA PHE A 53 4.33 23.40 -2.85
C PHE A 53 5.05 22.27 -2.12
N GLU A 54 5.81 22.63 -1.06
CA GLU A 54 6.61 21.72 -0.25
C GLU A 54 5.80 20.58 0.37
N ARG A 55 4.53 20.86 0.73
CA ARG A 55 3.57 19.93 1.32
C ARG A 55 3.09 18.94 0.27
N VAL A 56 2.65 19.45 -0.90
CA VAL A 56 2.14 18.67 -2.04
C VAL A 56 3.26 17.72 -2.56
N TYR A 57 4.48 18.25 -2.68
CA TYR A 57 5.66 17.52 -3.10
C TYR A 57 6.03 16.42 -2.11
N ARG A 58 5.93 16.70 -0.80
CA ARG A 58 6.24 15.73 0.27
C ARG A 58 5.21 14.59 0.29
N ALA A 59 3.92 14.94 0.08
CA ALA A 59 2.78 14.03 0.00
C ALA A 59 2.99 12.99 -1.12
N GLN A 60 3.48 13.45 -2.28
CA GLN A 60 3.75 12.60 -3.44
C GLN A 60 4.93 11.68 -3.16
N VAL A 61 6.01 12.21 -2.55
CA VAL A 61 7.21 11.45 -2.17
C VAL A 61 6.82 10.33 -1.20
N ASN A 62 6.00 10.66 -0.18
CA ASN A 62 5.52 9.70 0.82
C ASN A 62 4.69 8.59 0.22
N CYS A 63 3.73 8.93 -0.67
CA CYS A 63 2.89 7.99 -1.40
C CYS A 63 3.73 7.09 -2.32
N SER A 64 4.78 7.64 -2.92
CA SER A 64 5.74 6.90 -3.74
C SER A 64 6.54 5.92 -2.89
N GLU A 65 7.05 6.32 -1.70
CA GLU A 65 7.82 5.42 -0.84
C GLU A 65 7.01 4.16 -0.47
N TYR A 66 5.73 4.35 -0.17
CA TYR A 66 4.82 3.32 0.31
C TYR A 66 4.11 2.54 -0.78
N PHE A 67 4.06 3.04 -2.01
CA PHE A 67 3.43 2.33 -3.10
C PHE A 67 4.01 0.87 -3.28
N PRO A 68 5.36 0.63 -3.27
CA PRO A 68 5.87 -0.76 -3.38
C PRO A 68 5.50 -1.66 -2.20
N LEU A 69 5.39 -1.08 -1.00
CA LEU A 69 5.00 -1.78 0.26
C LEU A 69 3.56 -2.23 0.15
N PHE A 70 2.70 -1.33 -0.32
CA PHE A 70 1.29 -1.61 -0.55
C PHE A 70 1.17 -2.76 -1.57
N LEU A 71 1.88 -2.70 -2.69
CA LEU A 71 1.81 -3.74 -3.71
C LEU A 71 2.26 -5.09 -3.22
N ALA A 72 3.34 -5.11 -2.47
CA ALA A 72 3.93 -6.32 -1.92
C ALA A 72 2.94 -7.04 -0.99
N THR A 73 2.31 -6.30 -0.07
CA THR A 73 1.37 -6.85 0.91
C THR A 73 0.06 -7.20 0.24
N LEU A 74 -0.40 -6.41 -0.73
CA LEU A 74 -1.65 -6.67 -1.46
C LEU A 74 -1.55 -8.04 -2.16
N TRP A 75 -0.42 -8.31 -2.82
CA TRP A 75 -0.21 -9.57 -3.54
C TRP A 75 -0.02 -10.75 -2.59
N VAL A 76 0.72 -10.58 -1.49
CA VAL A 76 0.90 -11.65 -0.50
C VAL A 76 -0.44 -11.96 0.18
N ALA A 77 -1.18 -10.93 0.60
CA ALA A 77 -2.48 -11.09 1.25
C ALA A 77 -3.52 -11.69 0.32
N GLY A 78 -3.53 -11.23 -0.93
CA GLY A 78 -4.47 -11.69 -1.94
C GLY A 78 -4.26 -13.11 -2.41
N ILE A 79 -2.99 -13.59 -2.39
CA ILE A 79 -2.65 -14.96 -2.80
C ILE A 79 -2.75 -15.93 -1.64
N PHE A 80 -2.28 -15.56 -0.44
CA PHE A 80 -2.23 -16.47 0.70
C PHE A 80 -3.41 -16.35 1.66
N PHE A 81 -4.07 -15.20 1.70
CA PHE A 81 -5.25 -15.07 2.56
C PHE A 81 -6.50 -15.31 1.71
N HIS A 82 -7.10 -14.24 1.15
CA HIS A 82 -8.29 -14.25 0.29
C HIS A 82 -8.20 -13.03 -0.60
N GLU A 83 -8.39 -13.25 -1.90
CA GLU A 83 -8.31 -12.23 -2.93
C GLU A 83 -9.27 -11.02 -2.73
N GLY A 84 -10.53 -11.27 -2.43
CA GLY A 84 -11.54 -10.25 -2.22
C GLY A 84 -11.22 -9.41 -1.00
N ALA A 85 -10.83 -10.06 0.12
CA ALA A 85 -10.47 -9.40 1.40
C ALA A 85 -9.32 -8.42 1.22
N ALA A 86 -8.24 -8.86 0.53
CA ALA A 86 -7.06 -8.07 0.24
C ALA A 86 -7.39 -6.90 -0.71
N ALA A 87 -8.16 -7.16 -1.78
CA ALA A 87 -8.55 -6.19 -2.80
C ALA A 87 -9.38 -5.07 -2.21
N LEU A 88 -10.30 -5.38 -1.27
CA LEU A 88 -11.16 -4.43 -0.56
C LEU A 88 -10.32 -3.53 0.33
N CYS A 89 -9.39 -4.14 1.02
CA CYS A 89 -8.46 -3.50 1.91
C CYS A 89 -7.49 -2.54 1.17
N GLY A 90 -7.07 -2.95 -0.04
CA GLY A 90 -6.25 -2.21 -0.97
C GLY A 90 -6.94 -0.94 -1.44
N LEU A 91 -8.27 -1.03 -1.72
CA LEU A 91 -9.14 0.09 -2.09
C LEU A 91 -9.28 1.10 -0.96
N VAL A 92 -9.41 0.61 0.30
CA VAL A 92 -9.52 1.44 1.50
C VAL A 92 -8.23 2.25 1.67
N TYR A 93 -7.07 1.60 1.47
CA TYR A 93 -5.74 2.18 1.52
C TYR A 93 -5.57 3.24 0.45
N LEU A 94 -5.97 2.91 -0.79
CA LEU A 94 -5.85 3.85 -1.92
C LEU A 94 -6.71 5.09 -1.73
N PHE A 95 -7.94 4.92 -1.27
CA PHE A 95 -8.83 6.04 -1.04
C PHE A 95 -8.34 6.93 0.14
N ALA A 96 -7.76 6.30 1.17
CA ALA A 96 -7.21 7.00 2.33
C ALA A 96 -5.98 7.83 1.95
N ARG A 97 -5.27 7.40 0.91
CA ARG A 97 -4.10 8.09 0.41
C ARG A 97 -4.47 9.28 -0.42
N LEU A 98 -5.52 9.17 -1.20
CA LEU A 98 -6.09 10.28 -1.97
C LEU A 98 -6.44 11.40 -0.96
N ARG A 99 -7.15 11.05 0.12
CA ARG A 99 -7.56 12.00 1.18
C ARG A 99 -6.36 12.60 1.94
N TYR A 100 -5.31 11.80 2.15
CA TYR A 100 -4.04 12.19 2.77
C TYR A 100 -3.42 13.30 1.92
N PHE A 101 -3.38 13.06 0.60
CA PHE A 101 -2.79 13.97 -0.37
C PHE A 101 -3.52 15.30 -0.38
N GLN A 102 -4.85 15.26 -0.50
CA GLN A 102 -5.73 16.44 -0.52
C GLN A 102 -5.68 17.20 0.80
N GLY A 103 -5.59 16.45 1.92
CA GLY A 103 -5.45 17.00 3.27
C GLY A 103 -4.14 17.76 3.43
N TYR A 104 -3.02 17.07 3.17
CA TYR A 104 -1.64 17.58 3.23
C TYR A 104 -1.44 18.82 2.36
N ALA A 105 -2.05 18.85 1.16
CA ALA A 105 -1.98 20.00 0.25
C ALA A 105 -2.47 21.28 0.95
N ARG A 106 -3.55 21.16 1.76
CA ARG A 106 -4.16 22.26 2.51
C ARG A 106 -3.36 22.57 3.81
N SER A 107 -2.99 21.53 4.58
CA SER A 107 -2.26 21.69 5.84
C SER A 107 -1.64 20.39 6.30
N ALA A 108 -0.52 20.47 7.04
CA ALA A 108 0.17 19.32 7.62
C ALA A 108 -0.68 18.63 8.70
N GLN A 109 -1.55 19.38 9.40
CA GLN A 109 -2.43 18.80 10.41
C GLN A 109 -3.60 18.01 9.75
N LEU A 110 -4.15 18.55 8.64
CA LEU A 110 -5.27 17.96 7.92
C LEU A 110 -4.94 16.62 7.23
N ARG A 111 -3.64 16.31 7.08
CA ARG A 111 -3.13 15.06 6.50
C ARG A 111 -3.25 13.88 7.46
N LEU A 112 -3.23 14.17 8.78
CA LEU A 112 -3.12 13.19 9.85
C LEU A 112 -4.26 12.19 9.95
N ALA A 113 -5.53 12.65 9.95
CA ALA A 113 -6.68 11.73 10.02
C ALA A 113 -6.64 10.71 8.84
N PRO A 114 -6.54 11.13 7.55
CA PRO A 114 -6.42 10.10 6.49
C PRO A 114 -5.09 9.33 6.49
N LEU A 115 -4.01 9.88 7.08
CA LEU A 115 -2.72 9.18 7.21
C LEU A 115 -2.87 8.01 8.18
N TYR A 116 -3.57 8.21 9.32
CA TYR A 116 -3.82 7.15 10.31
C TYR A 116 -4.77 6.09 9.71
N ALA A 117 -5.74 6.53 8.88
CA ALA A 117 -6.70 5.65 8.20
C ALA A 117 -5.97 4.72 7.24
N SER A 118 -4.97 5.27 6.49
CA SER A 118 -4.13 4.54 5.54
C SER A 118 -3.13 3.61 6.25
N ALA A 119 -2.62 4.04 7.42
CA ALA A 119 -1.70 3.27 8.28
C ALA A 119 -2.46 2.06 8.84
N ARG A 120 -3.72 2.28 9.26
CA ARG A 120 -4.61 1.23 9.75
C ARG A 120 -4.89 0.20 8.63
N ALA A 121 -5.19 0.67 7.41
CA ALA A 121 -5.47 -0.15 6.23
C ALA A 121 -4.24 -0.97 5.77
N LEU A 122 -3.03 -0.38 5.80
CA LEU A 122 -1.79 -1.07 5.43
C LEU A 122 -1.37 -2.15 6.45
N TRP A 123 -1.58 -1.88 7.77
CA TRP A 123 -1.30 -2.83 8.85
C TRP A 123 -2.27 -4.00 8.76
N LEU A 124 -3.52 -3.73 8.36
CA LEU A 124 -4.54 -4.73 8.13
C LEU A 124 -4.11 -5.68 7.01
N LEU A 125 -3.56 -5.14 5.90
CA LEU A 125 -3.00 -5.90 4.79
C LEU A 125 -1.78 -6.70 5.24
N VAL A 126 -0.88 -6.12 6.08
CA VAL A 126 0.28 -6.83 6.65
C VAL A 126 -0.24 -8.04 7.50
N ALA A 127 -1.29 -7.82 8.31
CA ALA A 127 -1.92 -8.85 9.15
C ALA A 127 -2.53 -9.98 8.31
N LEU A 128 -3.23 -9.65 7.21
CA LEU A 128 -3.82 -10.63 6.28
C LEU A 128 -2.75 -11.47 5.58
N ALA A 129 -1.64 -10.83 5.18
CA ALA A 129 -0.47 -11.47 4.57
C ALA A 129 0.15 -12.48 5.56
N ALA A 130 0.37 -12.06 6.82
CA ALA A 130 0.95 -12.86 7.91
C ALA A 130 0.05 -14.05 8.23
N LEU A 131 -1.26 -13.82 8.38
CA LEU A 131 -2.28 -14.84 8.60
C LEU A 131 -2.31 -15.84 7.46
N GLY A 132 -2.26 -15.34 6.23
CA GLY A 132 -2.26 -16.17 5.02
C GLY A 132 -1.04 -17.07 4.98
N LEU A 133 0.11 -16.51 5.23
CA LEU A 133 1.36 -17.24 5.27
C LEU A 133 1.36 -18.30 6.39
N LEU A 134 0.88 -17.94 7.59
CA LEU A 134 0.75 -18.89 8.69
C LEU A 134 -0.22 -20.05 8.33
N ALA A 135 -1.36 -19.75 7.65
CA ALA A 135 -2.37 -20.73 7.21
C ALA A 135 -1.81 -21.76 6.22
N HIS A 136 -0.71 -21.41 5.56
CA HIS A 136 -0.04 -22.25 4.58
C HIS A 136 1.22 -22.92 5.13
N PHE A 137 1.59 -22.68 6.41
CA PHE A 137 2.78 -23.30 7.00
C PHE A 137 2.50 -24.02 8.33
N LEU A 138 1.80 -23.36 9.27
CA LEU A 138 1.46 -23.92 10.57
C LEU A 138 0.67 -25.24 10.46
N PRO A 139 -0.40 -25.39 9.61
CA PRO A 139 -1.08 -26.68 9.51
C PRO A 139 -0.20 -27.85 9.06
N ALA A 140 0.73 -27.59 8.11
CA ALA A 140 1.66 -28.59 7.57
C ALA A 140 2.64 -29.04 8.63
N ALA A 141 3.13 -28.09 9.44
CA ALA A 141 4.05 -28.31 10.55
C ALA A 141 3.34 -29.11 11.67
N LEU A 142 2.07 -28.78 11.96
CA LEU A 142 1.20 -29.46 12.92
C LEU A 142 1.00 -30.91 12.52
N ARG A 143 0.69 -31.16 11.24
CA ARG A 143 0.47 -32.48 10.68
C ARG A 143 1.75 -33.33 10.79
N ALA A 144 2.93 -32.75 10.42
CA ALA A 144 4.22 -33.43 10.52
C ALA A 144 4.57 -33.75 11.96
N ALA A 145 4.37 -32.79 12.91
CA ALA A 145 4.64 -32.99 14.34
C ALA A 145 3.81 -34.14 14.89
N LEU A 146 2.49 -34.16 14.58
CA LEU A 146 1.56 -35.21 15.03
C LEU A 146 1.89 -36.60 14.43
N LEU A 147 2.48 -36.63 13.23
CA LEU A 147 2.85 -37.87 12.54
C LEU A 147 4.29 -38.32 12.83
N GLY A 148 5.01 -37.54 13.64
CA GLY A 148 6.41 -37.78 13.99
C GLY A 148 7.32 -37.69 12.79
N ARG A 149 7.00 -36.78 11.86
CA ARG A 149 7.70 -36.57 10.60
C ARG A 149 8.16 -35.12 10.46
N LEU A 150 8.38 -34.39 11.60
CA LEU A 150 8.80 -32.98 11.60
C LEU A 150 10.17 -32.74 11.00
N ARG A 151 11.17 -33.59 11.37
CA ARG A 151 12.55 -33.55 10.88
C ARG A 151 12.59 -33.60 9.34
N THR A 152 11.67 -34.39 8.74
CA THR A 152 11.54 -34.52 7.28
C THR A 152 10.98 -33.22 6.66
N LEU A 153 10.14 -32.46 7.39
CA LEU A 153 9.57 -31.18 6.93
C LEU A 153 10.54 -30.00 7.16
N LEU A 154 11.22 -30.01 8.32
CA LEU A 154 12.21 -29.01 8.76
C LEU A 154 13.24 -29.61 9.75
N PRO A 155 14.47 -29.95 9.26
CA PRO A 155 15.48 -30.53 10.17
C PRO A 155 15.94 -29.59 11.30
N TRP A 156 16.03 -28.29 11.01
CA TRP A 156 16.42 -27.20 11.92
C TRP A 156 15.36 -26.97 13.02
#